data_6NNE
#
_entry.id   6NNE
#
_cell.length_a   61.663
_cell.length_b   72.175
_cell.length_c   72.381
_cell.angle_alpha   90.000
_cell.angle_beta   90.000
_cell.angle_gamma   90.000
#
_symmetry.space_group_name_H-M   'P 21 21 21'
#
loop_
_entity.id
_entity.type
_entity.pdbx_description
1 polymer 'Dihydrofolate reductase'
2 non-polymer 'COBALT (II) ION'
3 non-polymer 'NADPH DIHYDRO-NICOTINAMIDE-ADENINE-DINUCLEOTIDE PHOSPHATE'
4 non-polymer 5-[(3,4-dimethoxyphenyl)methyl]pyrimidine-2,4-diamine
5 non-polymer 'SULFATE ION'
6 water water
#
_entity_poly.entity_id   1
_entity_poly.type   'polypeptide(L)'
_entity_poly.pdbx_seq_one_letter_code
;MVGLIWAQATSGVIGRGGDIPWRLPEDQAHFREITMGHTIVMGRRTWDSLPAKVRPLPGRRNVVLSRQADFMASGAEVVG
SLEEALTSPETWVIGGGQVYALALPYATRCEVTEVDIGLPREAGDALAPVLDETWRGETGEWRFSRSGLRYRLYSYHRS
;
_entity_poly.pdbx_strand_id   A,B
#
loop_
_chem_comp.id
_chem_comp.type
_chem_comp.name
_chem_comp.formula
CO non-polymer 'COBALT (II) ION' 'Co 2'
KUP non-polymer 5-[(3,4-dimethoxyphenyl)methyl]pyrimidine-2,4-diamine 'C13 H16 N4 O2'
NDP non-polymer 'NADPH DIHYDRO-NICOTINAMIDE-ADENINE-DINUCLEOTIDE PHOSPHATE' 'C21 H30 N7 O17 P3'
SO4 non-polymer 'SULFATE ION' 'O4 S -2'
#
# COMPACT_ATOMS: atom_id res chain seq x y z
N MET A 1 3.30 4.27 8.91
CA MET A 1 3.72 3.55 7.71
C MET A 1 4.90 4.24 7.06
N VAL A 2 6.02 3.53 6.93
CA VAL A 2 7.15 3.98 6.12
C VAL A 2 7.22 3.09 4.88
N GLY A 3 7.18 3.70 3.71
CA GLY A 3 7.35 2.99 2.47
C GLY A 3 8.60 3.48 1.77
N LEU A 4 9.19 2.59 0.96
CA LEU A 4 10.26 2.93 0.04
C LEU A 4 9.71 2.87 -1.37
N ILE A 5 10.10 3.83 -2.22
CA ILE A 5 9.70 3.81 -3.63
C ILE A 5 10.96 4.07 -4.47
N TRP A 6 11.20 3.23 -5.47
CA TRP A 6 12.33 3.38 -6.36
C TRP A 6 12.07 2.68 -7.68
N ALA A 7 12.91 3.01 -8.68
CA ALA A 7 12.95 2.29 -9.94
C ALA A 7 14.36 1.71 -10.12
N GLN A 8 14.44 0.51 -10.68
CA GLN A 8 15.74 -0.16 -10.82
C GLN A 8 15.82 -0.87 -12.16
N ALA A 9 17.04 -0.96 -12.68
CA ALA A 9 17.31 -1.89 -13.75
C ALA A 9 17.24 -3.33 -13.24
N THR A 10 17.14 -4.29 -14.17
CA THR A 10 17.08 -5.69 -13.76
C THR A 10 18.27 -6.06 -12.89
N SER A 11 19.42 -5.42 -13.09
CA SER A 11 20.63 -5.70 -12.33
C SER A 11 20.61 -5.16 -10.90
N GLY A 12 19.65 -4.29 -10.55
CA GLY A 12 19.62 -3.64 -9.25
C GLY A 12 20.17 -2.22 -9.24
N VAL A 13 20.79 -1.77 -10.33
CA VAL A 13 21.26 -0.40 -10.40
C VAL A 13 20.09 0.56 -10.29
N ILE A 14 20.21 1.57 -9.42
CA ILE A 14 19.25 2.67 -9.37
C ILE A 14 19.84 4.02 -9.76
N GLY A 15 21.16 4.16 -9.79
CA GLY A 15 21.75 5.46 -10.04
C GLY A 15 23.21 5.33 -10.41
N ARG A 16 23.69 6.30 -11.17
CA ARG A 16 25.05 6.30 -11.70
C ARG A 16 25.47 7.75 -11.89
N GLY A 17 26.63 8.13 -11.37
CA GLY A 17 27.10 9.50 -11.54
C GLY A 17 26.25 10.57 -10.90
N GLY A 18 25.47 10.21 -9.88
CA GLY A 18 24.60 11.16 -9.23
C GLY A 18 23.24 11.36 -9.87
N ASP A 19 22.93 10.61 -10.93
CA ASP A 19 21.65 10.74 -11.62
C ASP A 19 21.14 9.35 -11.98
N ILE A 20 20.15 9.29 -12.87
CA ILE A 20 19.46 8.05 -13.20
C ILE A 20 19.60 7.85 -14.71
N PRO A 21 20.01 6.67 -15.19
CA PRO A 21 20.24 6.51 -16.64
C PRO A 21 19.01 6.12 -17.46
N TRP A 22 17.84 6.60 -17.06
CA TRP A 22 16.61 6.43 -17.83
C TRP A 22 15.61 7.46 -17.32
N ARG A 23 14.47 7.56 -18.01
CA ARG A 23 13.39 8.41 -17.50
C ARG A 23 12.10 7.93 -18.14
N LEU A 24 11.23 7.29 -17.34
CA LEU A 24 9.96 6.81 -17.85
C LEU A 24 8.85 7.75 -17.38
N PRO A 25 8.13 8.42 -18.28
CA PRO A 25 7.06 9.33 -17.80
C PRO A 25 6.02 8.63 -16.96
N GLU A 26 5.75 7.35 -17.26
CA GLU A 26 4.77 6.58 -16.51
C GLU A 26 5.25 6.29 -15.10
N ASP A 27 6.56 6.05 -14.93
CA ASP A 27 7.13 5.87 -13.60
C ASP A 27 7.08 7.18 -12.81
N GLN A 28 7.36 8.30 -13.47
CA GLN A 28 7.25 9.59 -12.78
C GLN A 28 5.82 9.86 -12.33
N ALA A 29 4.84 9.53 -13.18
CA ALA A 29 3.44 9.72 -12.81
C ALA A 29 3.02 8.84 -11.64
N HIS A 30 3.46 7.58 -11.65
CA HIS A 30 3.15 6.69 -10.53
C HIS A 30 3.80 7.19 -9.24
N PHE A 31 5.06 7.65 -9.34
CA PHE A 31 5.74 8.22 -8.18
C PHE A 31 4.97 9.40 -7.61
N ARG A 32 4.51 10.32 -8.47
CA ARG A 32 3.77 11.48 -7.97
C ARG A 32 2.47 11.05 -7.28
N GLU A 33 1.76 10.07 -7.86
CA GLU A 33 0.50 9.63 -7.26
C GLU A 33 0.70 9.01 -5.88
N ILE A 34 1.73 8.18 -5.72
CA ILE A 34 1.94 7.45 -4.48
C ILE A 34 2.42 8.40 -3.36
N THR A 35 3.23 9.40 -3.72
CA THR A 35 3.79 10.25 -2.69
C THR A 35 2.98 11.50 -2.40
N MET A 36 2.08 11.91 -3.30
CA MET A 36 1.41 13.21 -3.15
C MET A 36 0.72 13.34 -1.81
N GLY A 37 0.93 14.49 -1.16
CA GLY A 37 0.30 14.80 0.11
C GLY A 37 1.06 14.32 1.32
N HIS A 38 2.04 13.45 1.14
CA HIS A 38 2.71 12.75 2.23
C HIS A 38 4.10 13.35 2.48
N THR A 39 4.76 12.85 3.52
CA THR A 39 6.14 13.21 3.77
C THR A 39 7.02 12.43 2.81
N ILE A 40 7.99 13.11 2.19
CA ILE A 40 9.02 12.44 1.41
C ILE A 40 10.36 12.70 2.08
N VAL A 41 11.13 11.63 2.26
CA VAL A 41 12.44 11.71 2.89
C VAL A 41 13.49 11.28 1.86
N MET A 42 14.57 12.05 1.75
CA MET A 42 15.61 11.76 0.77
C MET A 42 16.98 12.08 1.35
N GLY A 43 18.00 11.35 0.89
CA GLY A 43 19.36 11.73 1.18
C GLY A 43 19.77 12.99 0.46
N ARG A 44 20.83 13.61 0.97
CA ARG A 44 21.26 14.90 0.42
C ARG A 44 21.67 14.78 -1.04
N ARG A 45 22.32 13.68 -1.42
CA ARG A 45 22.70 13.53 -2.82
C ARG A 45 21.48 13.47 -3.74
N THR A 46 20.40 12.83 -3.27
CA THR A 46 19.17 12.79 -4.08
C THR A 46 18.53 14.17 -4.19
N TRP A 47 18.52 14.95 -3.09
CA TRP A 47 18.07 16.33 -3.16
C TRP A 47 18.87 17.10 -4.20
N ASP A 48 20.20 16.92 -4.20
CA ASP A 48 21.07 17.54 -5.18
C ASP A 48 20.71 17.14 -6.61
N SER A 49 20.21 15.91 -6.80
CA SER A 49 19.84 15.42 -8.13
C SER A 49 18.56 16.03 -8.67
N LEU A 50 17.82 16.76 -7.84
CA LEU A 50 16.62 17.43 -8.32
C LEU A 50 16.96 18.85 -8.77
N PRO A 51 16.55 19.26 -9.97
CA PRO A 51 16.80 20.65 -10.40
C PRO A 51 16.13 21.65 -9.47
N ALA A 52 16.81 22.76 -9.21
CA ALA A 52 16.28 23.73 -8.25
C ALA A 52 14.90 24.22 -8.65
N LYS A 53 14.59 24.24 -9.94
CA LYS A 53 13.28 24.70 -10.39
C LYS A 53 12.15 23.77 -9.97
N VAL A 54 12.44 22.49 -9.68
CA VAL A 54 11.37 21.56 -9.34
C VAL A 54 11.26 21.32 -7.84
N ARG A 55 12.19 21.85 -7.02
CA ARG A 55 12.32 21.71 -5.57
C ARG A 55 11.68 22.87 -4.84
N PRO A 56 10.95 22.62 -3.74
CA PRO A 56 10.59 21.29 -3.24
C PRO A 56 9.52 20.65 -4.10
N LEU A 57 9.39 19.33 -4.03
CA LEU A 57 8.33 18.66 -4.77
C LEU A 57 6.98 19.07 -4.18
N PRO A 58 6.05 19.57 -4.99
CA PRO A 58 4.86 20.23 -4.43
C PRO A 58 3.90 19.28 -3.73
N GLY A 59 3.17 19.84 -2.76
CA GLY A 59 2.14 19.10 -2.06
C GLY A 59 2.64 18.06 -1.09
N ARG A 60 3.94 18.07 -0.79
CA ARG A 60 4.57 17.07 0.06
C ARG A 60 5.51 17.77 1.04
N ARG A 61 5.63 17.21 2.24
CA ARG A 61 6.60 17.69 3.21
C ARG A 61 7.96 17.12 2.82
N ASN A 62 8.86 17.97 2.28
CA ASN A 62 10.16 17.54 1.79
C ASN A 62 11.16 17.52 2.95
N VAL A 63 11.76 16.36 3.23
CA VAL A 63 12.75 16.20 4.29
C VAL A 63 14.04 15.64 3.69
N VAL A 64 15.15 16.28 4.02
CA VAL A 64 16.47 15.91 3.49
C VAL A 64 17.34 15.46 4.67
N LEU A 65 17.94 14.28 4.53
CA LEU A 65 18.88 13.77 5.54
C LEU A 65 20.31 14.16 5.18
N SER A 66 21.01 14.79 6.14
CA SER A 66 22.38 15.22 5.95
C SER A 66 23.06 15.22 7.31
N ARG A 67 24.35 14.90 7.31
CA ARG A 67 25.17 15.05 8.50
C ARG A 67 25.75 16.45 8.63
N GLN A 68 25.55 17.32 7.64
CA GLN A 68 26.06 18.69 7.69
C GLN A 68 25.07 19.54 8.47
N ALA A 69 25.49 20.04 9.63
CA ALA A 69 24.55 20.79 10.47
C ALA A 69 24.11 22.10 9.84
N ASP A 70 24.85 22.66 8.87
CA ASP A 70 24.45 23.91 8.26
C ASP A 70 24.02 23.76 6.80
N PHE A 71 23.76 22.54 6.33
CA PHE A 71 23.29 22.38 4.96
C PHE A 71 21.90 22.97 4.82
N MET A 72 21.71 23.78 3.80
CA MET A 72 20.45 24.47 3.55
C MET A 72 19.80 23.90 2.31
N ALA A 73 18.54 23.50 2.45
CA ALA A 73 17.73 22.93 1.38
C ALA A 73 16.47 23.80 1.31
N SER A 74 16.46 24.75 0.37
CA SER A 74 15.39 25.74 0.31
C SER A 74 14.06 25.08 0.00
N GLY A 75 13.09 25.24 0.92
CA GLY A 75 11.80 24.61 0.80
C GLY A 75 11.71 23.26 1.45
N ALA A 76 12.79 22.79 2.05
CA ALA A 76 12.79 21.50 2.71
C ALA A 76 13.26 21.67 4.15
N GLU A 77 13.04 20.60 4.90
CA GLU A 77 13.52 20.39 6.25
C GLU A 77 14.78 19.56 6.16
N VAL A 78 15.84 19.97 6.84
CA VAL A 78 17.08 19.19 6.85
C VAL A 78 17.27 18.60 8.24
N VAL A 79 17.36 17.27 8.31
CA VAL A 79 17.48 16.58 9.59
C VAL A 79 18.76 15.77 9.62
N GLY A 80 19.26 15.53 10.83
CA GLY A 80 20.49 14.77 11.00
C GLY A 80 20.31 13.29 11.24
N SER A 81 19.08 12.84 11.40
CA SER A 81 18.77 11.43 11.64
C SER A 81 17.42 11.10 11.03
N LEU A 82 17.22 9.84 10.69
CA LEU A 82 15.99 9.44 10.01
C LEU A 82 14.78 9.50 10.94
N GLU A 83 14.99 9.25 12.25
CA GLU A 83 13.87 9.19 13.18
C GLU A 83 13.15 10.54 13.28
N GLU A 84 13.88 11.64 13.12
CA GLU A 84 13.24 12.95 13.11
C GLU A 84 12.22 13.11 11.99
N ALA A 85 12.35 12.34 10.93
CA ALA A 85 11.48 12.49 9.76
C ALA A 85 10.21 11.65 9.84
N LEU A 86 10.03 10.89 10.91
CA LEU A 86 8.95 9.90 10.95
C LEU A 86 7.78 10.33 11.82
N THR A 87 7.25 11.52 11.60
CA THR A 87 6.16 12.04 12.43
C THR A 87 4.89 12.27 11.60
N SER A 88 4.63 11.38 10.64
CA SER A 88 3.45 11.50 9.81
C SER A 88 2.74 10.16 9.68
N PRO A 89 1.43 10.18 9.37
CA PRO A 89 0.75 8.91 9.05
C PRO A 89 1.43 8.14 7.94
N GLU A 90 1.88 8.83 6.90
CA GLU A 90 2.47 8.20 5.74
C GLU A 90 3.78 8.89 5.39
N THR A 91 4.87 8.12 5.35
CA THR A 91 6.19 8.62 5.00
C THR A 91 6.75 7.77 3.87
N TRP A 92 7.21 8.41 2.80
CA TRP A 92 7.83 7.72 1.68
C TRP A 92 9.30 8.11 1.60
N VAL A 93 10.18 7.12 1.61
CA VAL A 93 11.60 7.33 1.38
C VAL A 93 11.84 7.24 -0.13
N ILE A 94 12.36 8.31 -0.73
CA ILE A 94 12.41 8.43 -2.18
C ILE A 94 13.83 8.40 -2.72
N GLY A 95 14.81 8.00 -1.91
CA GLY A 95 16.17 7.79 -2.36
C GLY A 95 17.18 8.46 -1.45
N GLY A 96 18.46 8.14 -1.68
CA GLY A 96 18.96 7.22 -2.69
C GLY A 96 19.45 5.90 -2.08
N GLY A 97 20.50 5.31 -2.64
CA GLY A 97 20.91 3.99 -2.18
C GLY A 97 21.22 3.91 -0.70
N GLN A 98 21.94 4.92 -0.19
CA GLN A 98 22.30 4.93 1.22
C GLN A 98 21.06 5.02 2.11
N VAL A 99 20.14 5.91 1.76
CA VAL A 99 18.99 6.13 2.63
C VAL A 99 18.00 4.96 2.53
N TYR A 100 17.87 4.31 1.36
CA TYR A 100 17.05 3.09 1.31
C TYR A 100 17.57 2.05 2.28
N ALA A 101 18.90 1.86 2.31
CA ALA A 101 19.47 0.88 3.23
C ALA A 101 19.21 1.27 4.68
N LEU A 102 19.34 2.56 4.99
CA LEU A 102 19.13 3.05 6.34
C LEU A 102 17.67 2.90 6.78
N ALA A 103 16.73 3.07 5.85
CA ALA A 103 15.32 3.10 6.19
C ALA A 103 14.66 1.73 6.17
N LEU A 104 15.29 0.74 5.55
CA LEU A 104 14.65 -0.56 5.39
C LEU A 104 14.11 -1.16 6.69
N PRO A 105 14.79 -1.08 7.85
CA PRO A 105 14.22 -1.64 9.08
C PRO A 105 12.91 -1.00 9.52
N TYR A 106 12.63 0.24 9.08
CA TYR A 106 11.38 0.90 9.42
C TYR A 106 10.27 0.62 8.43
N ALA A 107 10.57 -0.01 7.31
CA ALA A 107 9.67 -0.03 6.17
C ALA A 107 8.77 -1.25 6.19
N THR A 108 7.51 -1.04 5.76
CA THR A 108 6.56 -2.13 5.56
C THR A 108 6.02 -2.20 4.14
N ARG A 109 6.43 -1.29 3.25
CA ARG A 109 5.99 -1.27 1.87
C ARG A 109 7.16 -0.86 0.99
N CYS A 110 7.32 -1.52 -0.14
CA CYS A 110 8.25 -1.07 -1.18
C CYS A 110 7.50 -1.07 -2.51
N GLU A 111 7.45 0.08 -3.18
CA GLU A 111 6.83 0.20 -4.50
C GLU A 111 7.97 0.30 -5.50
N VAL A 112 8.18 -0.76 -6.27
CA VAL A 112 9.38 -0.90 -7.10
C VAL A 112 8.98 -0.91 -8.57
N THR A 113 9.60 -0.04 -9.36
CA THR A 113 9.47 -0.11 -10.80
C THR A 113 10.69 -0.84 -11.36
N GLU A 114 10.45 -2.00 -11.97
CA GLU A 114 11.53 -2.72 -12.64
C GLU A 114 11.58 -2.27 -14.08
N VAL A 115 12.75 -1.75 -14.51
CA VAL A 115 12.94 -1.27 -15.88
C VAL A 115 13.74 -2.32 -16.64
N ASP A 116 13.20 -2.75 -17.78
CA ASP A 116 13.83 -3.79 -18.59
C ASP A 116 14.97 -3.17 -19.40
N ILE A 117 16.05 -2.85 -18.69
CA ILE A 117 17.24 -2.32 -19.29
C ILE A 117 18.42 -3.16 -18.81
N GLY A 118 19.30 -3.53 -19.73
CA GLY A 118 20.43 -4.37 -19.42
C GLY A 118 21.61 -3.50 -19.03
N LEU A 119 21.80 -3.32 -17.73
CA LEU A 119 22.67 -2.29 -17.18
C LEU A 119 23.56 -2.93 -16.12
N PRO A 120 24.67 -3.51 -16.52
CA PRO A 120 25.54 -4.21 -15.55
C PRO A 120 26.05 -3.26 -14.48
N ARG A 121 26.11 -3.79 -13.25
CA ARG A 121 26.57 -3.00 -12.12
C ARG A 121 28.02 -2.58 -12.31
N GLU A 122 28.34 -1.37 -11.87
CA GLU A 122 29.67 -0.80 -11.98
C GLU A 122 30.06 -0.16 -10.67
N ALA A 123 31.37 -0.05 -10.42
CA ALA A 123 31.82 0.65 -9.23
C ALA A 123 31.26 2.06 -9.18
N GLY A 124 30.80 2.47 -7.99
CA GLY A 124 30.20 3.76 -7.82
C GLY A 124 28.69 3.80 -8.00
N ASP A 125 28.09 2.75 -8.58
CA ASP A 125 26.64 2.76 -8.76
C ASP A 125 25.93 2.76 -7.43
N ALA A 126 24.76 3.40 -7.40
CA ALA A 126 23.83 3.21 -6.30
C ALA A 126 22.95 2.02 -6.63
N LEU A 127 22.65 1.20 -5.62
CA LEU A 127 21.92 -0.05 -5.80
C LEU A 127 20.65 -0.08 -4.96
N ALA A 128 19.68 -0.86 -5.46
CA ALA A 128 18.47 -1.12 -4.71
C ALA A 128 18.79 -1.92 -3.45
N PRO A 129 18.00 -1.75 -2.39
CA PRO A 129 18.22 -2.54 -1.17
C PRO A 129 17.82 -3.99 -1.40
N VAL A 130 18.47 -4.89 -0.65
CA VAL A 130 18.13 -6.31 -0.69
C VAL A 130 16.95 -6.56 0.23
N LEU A 131 15.91 -7.19 -0.30
CA LEU A 131 14.71 -7.54 0.45
C LEU A 131 14.82 -9.00 0.88
N ASP A 132 14.76 -9.24 2.20
CA ASP A 132 14.89 -10.60 2.72
C ASP A 132 13.54 -11.31 2.66
N GLU A 133 13.47 -12.48 3.30
CA GLU A 133 12.30 -13.35 3.21
C GLU A 133 11.08 -12.82 3.95
N THR A 134 11.23 -11.79 4.79
CA THR A 134 10.04 -11.25 5.44
C THR A 134 9.13 -10.52 4.47
N TRP A 135 9.63 -10.14 3.29
CA TRP A 135 8.85 -9.39 2.31
C TRP A 135 8.08 -10.35 1.42
N ARG A 136 6.83 -9.99 1.12
CA ARG A 136 6.05 -10.69 0.11
C ARG A 136 5.68 -9.68 -0.99
N GLY A 137 5.74 -10.13 -2.23
CA GLY A 137 5.63 -9.24 -3.36
C GLY A 137 4.52 -9.65 -4.30
N GLU A 138 3.89 -8.64 -4.91
CA GLU A 138 2.86 -8.82 -5.92
C GLU A 138 3.30 -8.06 -7.16
N THR A 139 3.41 -8.77 -8.29
CA THR A 139 3.93 -8.25 -9.54
C THR A 139 2.79 -7.88 -10.48
N GLY A 140 3.03 -6.83 -11.29
CA GLY A 140 2.15 -6.49 -12.37
C GLY A 140 2.67 -7.01 -13.71
N GLU A 141 1.87 -6.79 -14.75
CA GLU A 141 2.27 -7.22 -16.08
C GLU A 141 3.33 -6.28 -16.67
N TRP A 142 4.18 -6.83 -17.52
CA TRP A 142 5.13 -6.03 -18.29
C TRP A 142 4.38 -5.05 -19.19
N ARG A 143 4.80 -3.78 -19.16
CA ARG A 143 4.15 -2.70 -19.90
C ARG A 143 5.20 -1.97 -20.72
N PHE A 144 4.76 -1.34 -21.81
CA PHE A 144 5.67 -0.51 -22.60
C PHE A 144 5.56 0.94 -22.17
N SER A 145 6.69 1.55 -21.81
CA SER A 145 6.77 2.99 -21.65
C SER A 145 6.85 3.66 -23.01
N ARG A 146 6.31 4.87 -23.10
CA ARG A 146 6.51 5.61 -24.33
C ARG A 146 7.99 5.93 -24.56
N SER A 147 8.83 5.83 -23.53
CA SER A 147 10.27 6.02 -23.73
C SER A 147 10.96 4.85 -24.42
N GLY A 148 10.25 3.76 -24.71
CA GLY A 148 10.80 2.63 -25.43
C GLY A 148 11.19 1.44 -24.57
N LEU A 149 11.36 1.63 -23.27
CA LEU A 149 11.69 0.55 -22.35
C LEU A 149 10.44 -0.10 -21.78
N ARG A 150 10.49 -1.42 -21.60
CA ARG A 150 9.44 -2.10 -20.86
C ARG A 150 9.67 -1.90 -19.36
N TYR A 151 8.58 -1.95 -18.60
CA TYR A 151 8.66 -1.82 -17.15
C TYR A 151 7.51 -2.59 -16.53
N ARG A 152 7.66 -2.89 -15.24
CA ARG A 152 6.55 -3.45 -14.48
C ARG A 152 6.66 -3.01 -13.04
N LEU A 153 5.52 -2.98 -12.35
CA LEU A 153 5.44 -2.51 -10.99
C LEU A 153 5.35 -3.70 -10.04
N TYR A 154 6.18 -3.68 -9.01
CA TYR A 154 6.12 -4.62 -7.90
C TYR A 154 5.64 -3.89 -6.64
N SER A 155 4.74 -4.52 -5.91
CA SER A 155 4.30 -3.99 -4.62
C SER A 155 4.69 -4.99 -3.56
N TYR A 156 5.68 -4.64 -2.74
CA TYR A 156 6.12 -5.50 -1.65
C TYR A 156 5.51 -5.01 -0.33
N HIS A 157 5.13 -5.95 0.52
CA HIS A 157 4.55 -5.62 1.81
C HIS A 157 5.11 -6.57 2.85
N ARG A 158 5.14 -6.12 4.10
CA ARG A 158 5.37 -7.01 5.21
C ARG A 158 4.73 -6.42 6.46
N SER A 159 4.45 -7.29 7.43
CA SER A 159 3.95 -6.85 8.73
C SER A 159 5.05 -6.32 9.66
N MET B 1 -4.37 7.07 7.67
CA MET B 1 -4.61 6.20 6.53
C MET B 1 -5.74 5.22 6.82
N VAL B 2 -6.90 5.47 6.23
CA VAL B 2 -8.01 4.52 6.24
C VAL B 2 -7.95 3.75 4.93
N GLY B 3 -7.86 2.43 5.03
CA GLY B 3 -7.91 1.57 3.87
C GLY B 3 -9.06 0.59 3.99
N LEU B 4 -9.58 0.17 2.85
CA LEU B 4 -10.58 -0.90 2.77
C LEU B 4 -9.92 -2.13 2.16
N ILE B 5 -10.25 -3.32 2.65
CA ILE B 5 -9.73 -4.54 2.05
C ILE B 5 -10.88 -5.53 1.90
N TRP B 6 -11.01 -6.12 0.70
CA TRP B 6 -12.06 -7.12 0.47
C TRP B 6 -11.63 -8.07 -0.65
N ALA B 7 -12.35 -9.20 -0.72
CA ALA B 7 -12.27 -10.13 -1.86
C ALA B 7 -13.65 -10.24 -2.49
N GLN B 8 -13.72 -10.12 -3.81
CA GLN B 8 -15.00 -10.16 -4.51
C GLN B 8 -14.95 -11.10 -5.71
N ALA B 9 -16.10 -11.68 -6.03
CA ALA B 9 -16.32 -12.25 -7.34
C ALA B 9 -16.30 -11.12 -8.37
N THR B 10 -16.12 -11.48 -9.64
CA THR B 10 -16.09 -10.46 -10.69
C THR B 10 -17.35 -9.62 -10.67
N SER B 11 -18.48 -10.23 -10.28
CA SER B 11 -19.78 -9.56 -10.26
C SER B 11 -19.91 -8.52 -9.16
N GLY B 12 -19.05 -8.55 -8.15
CA GLY B 12 -19.11 -7.68 -6.99
C GLY B 12 -19.63 -8.33 -5.73
N VAL B 13 -20.14 -9.57 -5.82
CA VAL B 13 -20.61 -10.25 -4.62
C VAL B 13 -19.43 -10.52 -3.69
N ILE B 14 -19.61 -10.19 -2.42
CA ILE B 14 -18.64 -10.52 -1.38
C ILE B 14 -19.19 -11.47 -0.33
N GLY B 15 -20.50 -11.60 -0.20
CA GLY B 15 -21.05 -12.40 0.88
C GLY B 15 -22.45 -12.84 0.57
N ARG B 16 -22.84 -13.98 1.15
CA ARG B 16 -24.20 -14.49 0.97
C ARG B 16 -24.50 -15.40 2.15
N GLY B 17 -25.68 -15.27 2.73
CA GLY B 17 -26.08 -16.11 3.85
C GLY B 17 -25.14 -16.08 5.04
N GLY B 18 -24.49 -14.94 5.28
CA GLY B 18 -23.55 -14.83 6.39
C GLY B 18 -22.23 -15.50 6.17
N ASP B 19 -21.87 -15.80 4.93
CA ASP B 19 -20.68 -16.56 4.62
C ASP B 19 -20.04 -15.96 3.37
N ILE B 20 -18.83 -16.40 3.07
CA ILE B 20 -18.15 -16.11 1.82
C ILE B 20 -18.21 -17.37 0.96
N PRO B 21 -18.80 -17.31 -0.25
CA PRO B 21 -19.09 -18.56 -0.99
C PRO B 21 -17.95 -19.07 -1.86
N TRP B 22 -16.74 -19.09 -1.33
CA TRP B 22 -15.57 -19.68 -1.97
C TRP B 22 -14.50 -19.84 -0.91
N ARG B 23 -13.41 -20.52 -1.30
CA ARG B 23 -12.23 -20.65 -0.45
C ARG B 23 -11.00 -20.31 -1.29
N LEU B 24 -10.12 -19.48 -0.73
CA LEU B 24 -8.95 -18.98 -1.44
C LEU B 24 -7.84 -18.83 -0.43
N PRO B 25 -7.09 -19.90 -0.15
CA PRO B 25 -6.13 -19.84 0.97
C PRO B 25 -5.07 -18.76 0.81
N GLU B 26 -4.67 -18.44 -0.43
CA GLU B 26 -3.70 -17.36 -0.63
C GLU B 26 -4.26 -16.01 -0.19
N ASP B 27 -5.57 -15.81 -0.31
CA ASP B 27 -6.14 -14.53 0.08
C ASP B 27 -6.11 -14.35 1.59
N GLN B 28 -6.25 -15.45 2.33
CA GLN B 28 -6.20 -15.37 3.79
C GLN B 28 -4.83 -14.90 4.26
N ALA B 29 -3.76 -15.42 3.65
CA ALA B 29 -2.42 -14.98 4.02
C ALA B 29 -2.17 -13.52 3.64
N HIS B 30 -2.67 -13.13 2.46
CA HIS B 30 -2.58 -11.74 2.04
C HIS B 30 -3.33 -10.81 3.01
N PHE B 31 -4.55 -11.20 3.38
CA PHE B 31 -5.35 -10.38 4.30
C PHE B 31 -4.65 -10.24 5.65
N ARG B 32 -4.08 -11.34 6.15
CA ARG B 32 -3.38 -11.30 7.44
C ARG B 32 -2.19 -10.36 7.36
N GLU B 33 -1.42 -10.44 6.27
CA GLU B 33 -0.23 -9.62 6.17
C GLU B 33 -0.56 -8.13 6.12
N ILE B 34 -1.60 -7.75 5.36
CA ILE B 34 -1.95 -6.34 5.22
C ILE B 34 -2.51 -5.77 6.51
N THR B 35 -3.27 -6.57 7.27
CA THR B 35 -3.91 -6.01 8.44
C THR B 35 -3.11 -6.17 9.73
N MET B 36 -2.12 -7.07 9.76
CA MET B 36 -1.47 -7.43 11.02
C MET B 36 -0.83 -6.21 11.69
N GLY B 37 -1.07 -6.10 12.99
CA GLY B 37 -0.52 -5.02 13.80
C GLY B 37 -1.38 -3.77 13.87
N HIS B 38 -2.42 -3.66 13.05
CA HIS B 38 -3.16 -2.43 12.88
C HIS B 38 -4.54 -2.55 13.49
N THR B 39 -5.29 -1.45 13.47
CA THR B 39 -6.68 -1.47 13.87
C THR B 39 -7.51 -2.01 12.71
N ILE B 40 -8.45 -2.89 13.02
CA ILE B 40 -9.39 -3.39 12.01
C ILE B 40 -10.79 -3.04 12.46
N VAL B 41 -11.62 -2.60 11.51
CA VAL B 41 -12.97 -2.15 11.79
C VAL B 41 -13.92 -3.01 10.96
N MET B 42 -14.95 -3.56 11.61
CA MET B 42 -15.90 -4.42 10.91
C MET B 42 -17.31 -4.17 11.40
N GLY B 43 -18.26 -4.44 10.53
CA GLY B 43 -19.66 -4.40 10.94
C GLY B 43 -20.01 -5.58 11.82
N ARG B 44 -21.09 -5.41 12.57
CA ARG B 44 -21.50 -6.43 13.52
C ARG B 44 -21.78 -7.77 12.83
N ARG B 45 -22.37 -7.75 11.62
CA ARG B 45 -22.64 -9.01 10.94
C ARG B 45 -21.34 -9.72 10.55
N THR B 46 -20.32 -8.95 10.18
CA THR B 46 -19.04 -9.59 9.87
C THR B 46 -18.40 -10.20 11.13
N TRP B 47 -18.46 -9.48 12.26
CA TRP B 47 -18.03 -10.07 13.52
C TRP B 47 -18.76 -11.38 13.81
N ASP B 48 -20.08 -11.39 13.63
CA ASP B 48 -20.86 -12.60 13.85
C ASP B 48 -20.42 -13.73 12.93
N SER B 49 -19.94 -13.39 11.74
CA SER B 49 -19.51 -14.39 10.77
C SER B 49 -18.17 -15.03 11.13
N LEU B 50 -17.39 -14.43 12.05
CA LEU B 50 -16.12 -15.01 12.48
C LEU B 50 -16.35 -16.13 13.48
N PRO B 51 -15.79 -17.33 13.26
CA PRO B 51 -15.92 -18.39 14.26
C PRO B 51 -15.32 -17.96 15.58
N ALA B 52 -15.91 -18.47 16.68
CA ALA B 52 -15.38 -18.12 17.99
C ALA B 52 -13.89 -18.43 18.08
N LYS B 53 -13.44 -19.44 17.34
CA LYS B 53 -12.04 -19.86 17.36
C LYS B 53 -11.12 -18.74 16.89
N VAL B 54 -11.49 -18.01 15.83
CA VAL B 54 -10.57 -17.10 15.17
C VAL B 54 -10.69 -15.66 15.67
N ARG B 55 -11.69 -15.35 16.50
CA ARG B 55 -12.22 -14.10 17.04
C ARG B 55 -11.64 -13.83 18.43
N PRO B 56 -11.06 -12.65 18.74
CA PRO B 56 -10.67 -11.54 17.86
C PRO B 56 -9.50 -11.94 17.00
N LEU B 57 -9.37 -11.31 15.83
CA LEU B 57 -8.24 -11.59 14.96
C LEU B 57 -6.95 -11.24 15.69
N PRO B 58 -6.00 -12.17 15.82
CA PRO B 58 -4.81 -11.92 16.65
C PRO B 58 -3.94 -10.78 16.14
N GLY B 59 -3.36 -10.06 17.10
CA GLY B 59 -2.38 -9.05 16.78
C GLY B 59 -2.93 -7.77 16.20
N ARG B 60 -4.25 -7.61 16.25
CA ARG B 60 -4.93 -6.45 15.68
C ARG B 60 -5.90 -5.89 16.72
N ARG B 61 -6.07 -4.56 16.70
CA ARG B 61 -7.07 -3.90 17.53
C ARG B 61 -8.43 -4.08 16.85
N ASN B 62 -9.25 -5.01 17.36
CA ASN B 62 -10.54 -5.33 16.74
C ASN B 62 -11.60 -4.32 17.17
N VAL B 63 -12.28 -3.70 16.21
CA VAL B 63 -13.35 -2.74 16.48
C VAL B 63 -14.59 -3.16 15.70
N VAL B 64 -15.74 -3.18 16.37
CA VAL B 64 -16.99 -3.64 15.77
C VAL B 64 -17.98 -2.49 15.76
N LEU B 65 -18.57 -2.22 14.60
CA LEU B 65 -19.58 -1.17 14.44
C LEU B 65 -20.98 -1.75 14.63
N SER B 66 -21.76 -1.14 15.53
CA SER B 66 -23.14 -1.56 15.79
C SER B 66 -23.97 -0.36 16.21
N ARG B 67 -25.24 -0.39 15.83
CA ARG B 67 -26.21 0.57 16.34
C ARG B 67 -26.81 0.16 17.67
N GLN B 68 -26.64 -1.10 18.06
CA GLN B 68 -27.10 -1.56 19.36
C GLN B 68 -26.23 -0.93 20.44
N ALA B 69 -26.82 -0.03 21.21
CA ALA B 69 -26.13 0.45 22.40
C ALA B 69 -25.90 -0.73 23.34
N ASP B 70 -24.68 -0.78 23.89
CA ASP B 70 -24.26 -1.81 24.83
C ASP B 70 -24.23 -3.20 24.21
N PHE B 71 -24.13 -3.30 22.88
CA PHE B 71 -23.80 -4.59 22.28
C PHE B 71 -22.42 -5.01 22.72
N MET B 72 -22.27 -6.32 22.94
CA MET B 72 -21.02 -6.94 23.42
C MET B 72 -20.32 -7.76 22.37
N ALA B 73 -19.02 -7.53 22.26
CA ALA B 73 -18.15 -8.35 21.44
C ALA B 73 -16.91 -8.67 22.26
N SER B 74 -16.82 -9.90 22.78
CA SER B 74 -15.67 -10.30 23.57
C SER B 74 -14.39 -10.25 22.74
N GLY B 75 -13.47 -9.38 23.13
CA GLY B 75 -12.24 -9.20 22.39
C GLY B 75 -12.21 -8.01 21.46
N ALA B 76 -13.29 -7.25 21.38
CA ALA B 76 -13.36 -6.11 20.47
C ALA B 76 -13.98 -4.91 21.17
N GLU B 77 -13.62 -3.71 20.72
CA GLU B 77 -14.31 -2.50 21.15
C GLU B 77 -15.51 -2.32 20.24
N VAL B 78 -16.67 -2.02 20.83
CA VAL B 78 -17.89 -1.75 20.08
C VAL B 78 -18.11 -0.25 20.04
N VAL B 79 -18.30 0.30 18.85
CA VAL B 79 -18.55 1.73 18.67
C VAL B 79 -19.81 1.89 17.85
N GLY B 80 -20.42 3.07 17.98
CA GLY B 80 -21.71 3.33 17.36
C GLY B 80 -21.64 4.16 16.10
N SER B 81 -20.44 4.65 15.77
CA SER B 81 -20.23 5.39 14.55
C SER B 81 -18.85 5.04 14.01
N LEU B 82 -18.68 5.19 12.69
CA LEU B 82 -17.39 4.85 12.08
C LEU B 82 -16.28 5.77 12.57
N GLU B 83 -16.57 7.06 12.69
CA GLU B 83 -15.54 8.02 13.11
C GLU B 83 -15.02 7.70 14.51
N GLU B 84 -15.85 7.10 15.37
CA GLU B 84 -15.35 6.63 16.66
C GLU B 84 -14.30 5.54 16.48
N ALA B 85 -14.41 4.75 15.42
CA ALA B 85 -13.51 3.62 15.19
C ALA B 85 -12.22 4.01 14.50
N LEU B 86 -12.12 5.23 13.96
CA LEU B 86 -11.13 5.54 12.94
C LEU B 86 -9.86 6.21 13.45
N THR B 87 -9.83 6.64 14.71
CA THR B 87 -8.75 7.54 15.13
C THR B 87 -7.37 6.89 15.18
N SER B 88 -7.23 5.62 14.77
CA SER B 88 -5.94 4.96 14.81
C SER B 88 -5.07 5.37 13.61
N PRO B 89 -3.73 5.34 13.77
CA PRO B 89 -2.82 5.73 12.67
C PRO B 89 -3.04 4.98 11.36
N GLU B 90 -2.97 3.65 11.38
CA GLU B 90 -3.34 2.85 10.22
C GLU B 90 -4.54 1.99 10.60
N THR B 91 -5.64 2.18 9.89
CA THR B 91 -6.87 1.45 10.12
C THR B 91 -7.30 0.76 8.83
N TRP B 92 -7.71 -0.49 8.93
CA TRP B 92 -8.26 -1.23 7.80
C TRP B 92 -9.71 -1.58 8.07
N VAL B 93 -10.60 -1.20 7.15
CA VAL B 93 -12.01 -1.61 7.20
C VAL B 93 -12.12 -2.96 6.50
N ILE B 94 -12.62 -3.98 7.21
CA ILE B 94 -12.51 -5.35 6.74
C ILE B 94 -13.87 -5.97 6.45
N GLY B 95 -14.94 -5.16 6.41
CA GLY B 95 -16.25 -5.60 5.95
C GLY B 95 -17.33 -5.26 6.96
N GLY B 96 -18.58 -5.56 6.57
CA GLY B 96 -18.94 -6.11 5.26
C GLY B 96 -19.48 -5.05 4.32
N GLY B 97 -20.49 -5.41 3.52
CA GLY B 97 -20.96 -4.51 2.47
C GLY B 97 -21.46 -3.17 2.99
N GLN B 98 -22.24 -3.20 4.07
CA GLN B 98 -22.73 -1.94 4.63
C GLN B 98 -21.59 -1.06 5.11
N VAL B 99 -20.62 -1.64 5.81
CA VAL B 99 -19.55 -0.83 6.38
C VAL B 99 -18.59 -0.33 5.29
N TYR B 100 -18.40 -1.09 4.20
CA TYR B 100 -17.58 -0.57 3.11
C TYR B 100 -18.19 0.67 2.49
N ALA B 101 -19.52 0.66 2.29
CA ALA B 101 -20.18 1.83 1.71
C ALA B 101 -20.06 3.03 2.63
N LEU B 102 -20.16 2.81 3.94
CA LEU B 102 -20.05 3.88 4.91
C LEU B 102 -18.64 4.45 4.98
N ALA B 103 -17.62 3.60 4.79
CA ALA B 103 -16.23 3.99 4.97
C ALA B 103 -15.56 4.54 3.72
N LEU B 104 -16.05 4.20 2.52
CA LEU B 104 -15.36 4.62 1.30
C LEU B 104 -15.07 6.12 1.24
N PRO B 105 -15.96 7.03 1.65
CA PRO B 105 -15.62 8.47 1.59
C PRO B 105 -14.44 8.86 2.47
N TYR B 106 -14.05 8.03 3.43
CA TYR B 106 -12.93 8.31 4.31
C TYR B 106 -11.64 7.62 3.88
N ALA B 107 -11.67 6.85 2.81
CA ALA B 107 -10.58 5.93 2.49
C ALA B 107 -9.63 6.54 1.47
N THR B 108 -8.36 6.21 1.62
CA THR B 108 -7.34 6.57 0.64
CA THR B 108 -7.36 6.58 0.63
C THR B 108 -6.80 5.39 -0.15
N ARG B 109 -7.03 4.16 0.33
CA ARG B 109 -6.56 2.93 -0.33
C ARG B 109 -7.64 1.87 -0.28
N CYS B 110 -7.73 1.07 -1.33
CA CYS B 110 -8.50 -0.17 -1.35
C CYS B 110 -7.60 -1.30 -1.84
N GLU B 111 -7.56 -2.39 -1.09
CA GLU B 111 -6.82 -3.58 -1.46
C GLU B 111 -7.83 -4.65 -1.82
N VAL B 112 -7.90 -4.99 -3.11
CA VAL B 112 -9.00 -5.79 -3.65
C VAL B 112 -8.45 -7.08 -4.22
N THR B 113 -9.05 -8.20 -3.84
CA THR B 113 -8.84 -9.47 -4.50
C THR B 113 -10.05 -9.77 -5.38
N GLU B 114 -9.81 -10.04 -6.66
CA GLU B 114 -10.87 -10.40 -7.58
C GLU B 114 -10.79 -11.90 -7.84
N VAL B 115 -11.88 -12.60 -7.60
CA VAL B 115 -11.93 -14.05 -7.74
C VAL B 115 -12.69 -14.38 -9.00
N ASP B 116 -12.08 -15.20 -9.87
CA ASP B 116 -12.65 -15.52 -11.18
C ASP B 116 -13.68 -16.64 -11.05
N ILE B 117 -14.83 -16.27 -10.47
CA ILE B 117 -15.99 -17.16 -10.37
C ILE B 117 -17.19 -16.36 -10.86
N GLY B 118 -18.05 -17.02 -11.61
CA GLY B 118 -19.29 -16.41 -12.07
C GLY B 118 -20.37 -16.53 -11.03
N LEU B 119 -20.44 -15.52 -10.17
CA LEU B 119 -21.36 -15.48 -9.02
C LEU B 119 -22.43 -14.44 -9.26
N PRO B 120 -23.60 -14.82 -9.78
CA PRO B 120 -24.66 -13.83 -10.03
C PRO B 120 -25.05 -13.11 -8.74
N ARG B 121 -25.50 -11.86 -8.89
CA ARG B 121 -25.90 -11.03 -7.77
C ARG B 121 -27.35 -11.31 -7.42
N GLU B 122 -27.55 -11.94 -6.27
CA GLU B 122 -28.87 -12.33 -5.80
C GLU B 122 -29.35 -11.30 -4.79
N ALA B 123 -30.67 -11.15 -4.71
CA ALA B 123 -31.25 -10.31 -3.67
C ALA B 123 -30.73 -10.72 -2.31
N GLY B 124 -30.36 -9.72 -1.51
CA GLY B 124 -29.79 -9.96 -0.20
C GLY B 124 -28.29 -10.13 -0.14
N ASP B 125 -27.61 -10.29 -1.29
CA ASP B 125 -26.16 -10.40 -1.29
C ASP B 125 -25.50 -9.15 -0.72
N ALA B 126 -24.36 -9.35 -0.08
CA ALA B 126 -23.46 -8.25 0.22
C ALA B 126 -22.56 -7.99 -0.98
N LEU B 127 -22.37 -6.71 -1.32
CA LEU B 127 -21.63 -6.32 -2.51
C LEU B 127 -20.46 -5.42 -2.15
N ALA B 128 -19.42 -5.50 -2.97
CA ALA B 128 -18.32 -4.57 -2.87
C ALA B 128 -18.74 -3.19 -3.34
N PRO B 129 -18.10 -2.13 -2.85
CA PRO B 129 -18.37 -0.80 -3.41
C PRO B 129 -17.83 -0.70 -4.82
N VAL B 130 -18.52 0.09 -5.65
CA VAL B 130 -17.99 0.37 -6.98
C VAL B 130 -17.04 1.56 -6.87
N LEU B 131 -15.87 1.44 -7.49
CA LEU B 131 -14.83 2.47 -7.43
C LEU B 131 -14.86 3.26 -8.72
N ASP B 132 -15.06 4.57 -8.61
CA ASP B 132 -15.15 5.43 -9.80
C ASP B 132 -13.74 5.71 -10.33
N GLU B 133 -13.67 6.63 -11.30
CA GLU B 133 -12.42 6.94 -11.98
C GLU B 133 -11.40 7.63 -11.08
N THR B 134 -11.83 8.21 -9.96
CA THR B 134 -10.87 8.84 -9.06
C THR B 134 -9.98 7.84 -8.34
N TRP B 135 -10.28 6.55 -8.45
CA TRP B 135 -9.47 5.48 -7.85
C TRP B 135 -8.54 4.93 -8.92
N ARG B 136 -7.24 5.13 -8.74
CA ARG B 136 -6.23 4.61 -9.64
C ARG B 136 -5.64 3.34 -9.05
N GLY B 137 -5.62 2.27 -9.84
CA GLY B 137 -5.07 1.03 -9.33
C GLY B 137 -4.34 0.21 -10.37
N GLU B 138 -3.18 -0.32 -10.02
CA GLU B 138 -2.47 -1.22 -10.92
C GLU B 138 -3.09 -2.61 -10.84
N THR B 139 -3.40 -3.16 -12.00
CA THR B 139 -3.89 -4.52 -12.11
C THR B 139 -2.74 -5.49 -11.89
N GLY B 140 -2.88 -6.38 -10.91
CA GLY B 140 -1.95 -7.47 -10.77
C GLY B 140 -2.14 -8.50 -11.86
N GLU B 141 -1.08 -9.25 -12.13
CA GLU B 141 -1.20 -10.38 -13.04
C GLU B 141 -2.12 -11.44 -12.44
N TRP B 142 -2.80 -12.18 -13.31
CA TRP B 142 -3.63 -13.29 -12.87
C TRP B 142 -2.79 -14.31 -12.12
N ARG B 143 -3.37 -14.87 -11.06
CA ARG B 143 -2.72 -15.89 -10.26
C ARG B 143 -3.62 -17.12 -10.15
N PHE B 144 -3.02 -18.22 -9.70
CA PHE B 144 -3.67 -19.51 -9.70
C PHE B 144 -3.55 -20.12 -8.31
N SER B 145 -4.69 -20.51 -7.74
CA SER B 145 -4.78 -20.90 -6.34
C SER B 145 -4.73 -22.42 -6.18
N ARG B 146 -4.32 -22.84 -4.98
CA ARG B 146 -4.41 -24.24 -4.58
C ARG B 146 -5.84 -24.74 -4.45
N SER B 147 -6.82 -23.84 -4.43
CA SER B 147 -8.21 -24.23 -4.33
C SER B 147 -8.84 -24.55 -5.68
N GLY B 148 -8.21 -24.13 -6.78
CA GLY B 148 -8.72 -24.33 -8.12
C GLY B 148 -9.12 -23.07 -8.82
N LEU B 149 -9.35 -21.98 -8.09
CA LEU B 149 -9.83 -20.75 -8.68
C LEU B 149 -8.69 -19.83 -9.11
N ARG B 150 -8.95 -19.06 -10.15
CA ARG B 150 -8.04 -18.00 -10.58
C ARG B 150 -8.41 -16.70 -9.86
N TYR B 151 -7.39 -15.91 -9.52
CA TYR B 151 -7.59 -14.65 -8.81
C TYR B 151 -6.51 -13.66 -9.21
N ARG B 152 -6.74 -12.39 -8.87
CA ARG B 152 -5.71 -11.37 -9.02
C ARG B 152 -5.97 -10.22 -8.05
N LEU B 153 -4.91 -9.46 -7.77
CA LEU B 153 -4.93 -8.43 -6.75
C LEU B 153 -4.90 -7.05 -7.40
N TYR B 154 -5.64 -6.12 -6.81
CA TYR B 154 -5.64 -4.71 -7.20
C TYR B 154 -5.26 -3.87 -6.00
N SER B 155 -4.37 -2.89 -6.20
CA SER B 155 -4.03 -1.92 -5.17
C SER B 155 -4.51 -0.56 -5.66
N TYR B 156 -5.64 -0.11 -5.13
CA TYR B 156 -6.21 1.17 -5.53
C TYR B 156 -5.78 2.28 -4.57
N HIS B 157 -5.64 3.49 -5.11
CA HIS B 157 -5.23 4.66 -4.34
C HIS B 157 -5.92 5.91 -4.90
N ARG B 158 -6.09 6.90 -4.03
CA ARG B 158 -6.38 8.26 -4.48
C ARG B 158 -5.67 9.28 -3.59
N SER B 159 -5.25 10.38 -4.20
CA SER B 159 -4.50 11.42 -3.51
C SER B 159 -5.41 12.49 -2.95
CO CO C . -1.47 8.58 -0.73
PA NDP D . 21.71 9.42 -1.03
O1A NDP D . 21.28 8.22 -0.28
O2A NDP D . 20.76 10.15 -1.91
O5B NDP D . 22.27 10.59 -0.02
C5B NDP D . 23.39 10.15 0.70
C4B NDP D . 23.63 11.29 1.72
O4B NDP D . 22.59 11.25 2.72
C3B NDP D . 24.97 11.21 2.49
O3B NDP D . 26.03 11.79 1.73
C2B NDP D . 24.62 12.13 3.71
O2B NDP D . 24.46 13.41 3.40
C1B NDP D . 23.17 11.62 4.00
N9A NDP D . 23.14 10.49 4.88
C8A NDP D . 23.33 9.13 4.58
N7A NDP D . 23.23 8.34 5.69
C5A NDP D . 22.98 9.24 6.73
C6A NDP D . 22.79 9.06 8.11
N6A NDP D . 22.83 7.82 8.68
N1A NDP D . 22.54 10.12 8.92
C2A NDP D . 22.52 11.34 8.30
N3A NDP D . 22.69 11.67 7.01
C4A NDP D . 22.93 10.58 6.24
O3 NDP D . 23.14 9.06 -1.85
PN NDP D . 23.36 7.80 -2.82
O1N NDP D . 24.57 8.20 -3.57
O2N NDP D . 23.30 6.45 -2.15
O5D NDP D . 22.07 7.72 -3.91
C5D NDP D . 22.10 8.75 -4.88
C4D NDP D . 21.79 8.08 -6.24
O4D NDP D . 20.45 7.47 -6.20
C3D NDP D . 21.75 9.11 -7.38
O3D NDP D . 22.35 8.52 -8.53
C2D NDP D . 20.25 9.30 -7.59
O2D NDP D . 19.93 9.70 -8.90
C1D NDP D . 19.79 7.84 -7.39
N1N NDP D . 18.33 7.72 -7.17
C2N NDP D . 17.61 6.80 -7.91
C3N NDP D . 16.27 6.68 -7.74
C7N NDP D . 15.57 5.71 -8.55
O7N NDP D . 14.37 5.47 -8.38
N7N NDP D . 16.23 5.07 -9.57
C4N NDP D . 15.49 7.51 -6.79
C5N NDP D . 16.35 8.46 -6.02
C6N NDP D . 17.67 8.54 -6.21
P2B NDP D . 25.80 14.54 3.69
O1X NDP D . 26.83 13.98 2.75
O2X NDP D . 25.22 15.89 3.25
O3X NDP D . 26.04 14.36 5.16
N12 KUP E . 9.85 5.09 -9.00
C17 KUP E . 12.12 12.87 -9.63
C01 KUP E . 13.75 13.28 -12.71
O02 KUP E . 13.45 13.77 -11.42
C03 KUP E . 13.27 12.78 -10.43
C04 KUP E . 14.21 11.75 -10.20
C05 KUP E . 13.96 10.81 -9.20
C06 KUP E . 12.78 10.90 -8.40
C07 KUP E . 12.53 9.86 -7.30
C08 KUP E . 11.80 8.60 -7.83
C09 KUP E . 11.32 8.44 -9.15
N10 KUP E . 10.69 7.27 -9.50
C11 KUP E . 10.51 6.29 -8.61
N13 KUP E . 10.94 6.39 -7.33
C14 KUP E . 11.59 7.48 -6.92
N15 KUP E . 12.04 7.54 -5.55
C16 KUP E . 11.86 11.92 -8.62
O18 KUP E . 11.23 13.96 -9.91
C19 KUP E . 10.04 13.97 -9.08
S SO4 F . 29.37 14.44 -2.61
O1 SO4 F . 29.52 15.79 -2.09
O2 SO4 F . 29.75 13.46 -1.60
O3 SO4 F . 30.20 14.28 -3.79
O4 SO4 F . 27.97 14.20 -2.98
S SO4 G . 16.68 17.40 -16.02
O1 SO4 G . 16.65 16.59 -14.81
O2 SO4 G . 17.48 18.60 -15.76
O3 SO4 G . 17.29 16.66 -17.12
O4 SO4 G . 15.34 17.79 -16.44
CO CO H . 1.02 -2.96 7.88
PA NDP I . -21.84 -5.70 7.87
O1A NDP I . -20.76 -6.67 8.25
O2A NDP I . -21.53 -4.47 7.07
O5B NDP I . -22.48 -5.29 9.33
C5B NDP I . -23.69 -4.57 9.16
C4B NDP I . -24.01 -4.06 10.61
O4B NDP I . -23.08 -3.05 10.95
C3B NDP I . -25.41 -3.46 10.80
O3B NDP I . -26.38 -4.46 10.99
C2B NDP I . -25.17 -2.71 12.13
O2B NDP I . -24.97 -3.50 13.18
C1B NDP I . -23.78 -2.10 11.80
N9A NDP I . -23.88 -0.82 11.11
C8A NDP I . -24.13 -0.57 9.75
N7A NDP I . -24.16 0.74 9.46
C5A NDP I . -23.92 1.38 10.69
C6A NDP I . -23.83 2.73 11.07
N6A NDP I . -23.99 3.72 10.14
N1A NDP I . -23.57 3.11 12.36
C2A NDP I . -23.44 2.06 13.23
N3A NDP I . -23.49 0.74 13.04
C4A NDP I . -23.73 0.41 11.72
O3 NDP I . -23.11 -6.62 7.23
PN NDP I . -23.24 -6.96 5.64
O1N NDP I . -24.35 -7.94 5.65
O2N NDP I . -23.28 -5.81 4.65
O5D NDP I . -21.85 -7.85 5.17
C5D NDP I . -21.82 -9.11 5.77
C4D NDP I . -21.36 -10.11 4.70
O4D NDP I . -20.09 -9.71 4.13
C3D NDP I . -21.17 -11.53 5.27
O3D NDP I . -21.74 -12.42 4.32
C2D NDP I . -19.67 -11.73 5.26
O2D NDP I . -19.32 -13.08 5.02
C1D NDP I . -19.30 -10.86 4.01
N1N NDP I . -17.87 -10.43 4.05
C2N NDP I . -17.08 -10.66 2.94
C3N NDP I . -15.81 -10.17 2.89
C7N NDP I . -15.01 -10.40 1.70
O7N NDP I . -13.90 -9.87 1.52
N7N NDP I . -15.48 -11.25 0.72
C4N NDP I . -15.20 -9.40 4.01
C5N NDP I . -16.08 -9.31 5.19
C6N NDP I . -17.33 -9.79 5.18
P2B NDP I . -26.41 -3.80 14.23
O1X NDP I . -26.79 -2.38 14.50
O2X NDP I . -27.32 -4.61 13.31
O3X NDP I . -25.71 -4.54 15.32
N12 KUP J . -9.36 -10.31 1.21
C17 KUP J . -11.84 -13.74 8.01
C01 KUP J . -14.70 -16.01 8.44
O02 KUP J . -13.36 -15.58 8.45
C03 KUP J . -13.13 -14.32 7.86
C04 KUP J . -14.13 -13.64 7.16
C05 KUP J . -13.85 -12.38 6.59
C06 KUP J . -12.56 -11.80 6.73
C07 KUP J . -12.32 -10.43 6.10
C08 KUP J . -11.53 -10.46 4.76
C09 KUP J . -10.96 -11.65 4.22
N10 KUP J . -10.27 -11.55 3.05
C11 KUP J . -10.09 -10.37 2.44
N13 KUP J . -10.59 -9.22 2.92
C14 KUP J . -11.30 -9.22 4.06
N15 KUP J . -11.85 -7.99 4.58
C16 KUP J . -11.55 -12.47 7.44
O18 KUP J . -10.87 -14.49 8.73
C19 KUP J . -9.62 -13.81 8.93
S SO4 K . 0.50 -18.27 0.57
O1 SO4 K . -0.72 -18.84 1.15
O2 SO4 K . 1.29 -17.63 1.61
O3 SO4 K . 1.28 -19.34 -0.07
O4 SO4 K . 0.14 -17.27 -0.42
S SO4 L . -29.17 -9.55 11.41
O1 SO4 L . -30.09 -10.60 11.81
O2 SO4 L . -28.49 -9.06 12.61
O3 SO4 L . -28.18 -10.06 10.47
O4 SO4 L . -29.91 -8.45 10.79
#